data_2B9H
#
_entry.id   2B9H
#
_cell.length_a   58.300
_cell.length_b   63.788
_cell.length_c   99.601
_cell.angle_alpha   90.00
_cell.angle_beta   90.00
_cell.angle_gamma   90.00
#
_symmetry.space_group_name_H-M   'P 21 21 21'
#
loop_
_entity.id
_entity.type
_entity.pdbx_description
1 polymer 'Mitogen-activated protein kinase FUS3'
2 polymer 'Serine/threonine-protein kinase STE7'
3 non-polymer 'MAGNESIUM ION'
4 non-polymer "ADENOSINE-5'-DIPHOSPHATE"
5 water water
#
loop_
_entity_poly.entity_id
_entity_poly.type
_entity_poly.pdbx_seq_one_letter_code
_entity_poly.pdbx_strand_id
1 'polypeptide(L)'
;MPKRIVYNISSDFQLKSLLGEGAYGVVCSATHKPTGEIVAIKKIEPFDKPLFALRTLREIKILKHFKHENIITIFNIQRP
DSFENFNEVYIIQELMQTDLHRVISTQMLSDDHIQYFIYQTLRAVKVLHGSNVIHRDLKPSNLLINSNCDLKVCDFGLAR
IIDESAADNSEPTGQQSGMVEFVATRWYRAPEVMLTSAKYSRAMDVWSCGCILAELFLRRPIFPGRDYRHQLLLIFGIIG
TPHSDNDLRCIESPRAREYIKSLPMYPAAPLEKMFPRVNPKGIDLLQRMLVFDPAKRITAKEALEHPYLQTYHDPNDEPE
GEPIPPSFFEFDHYKEALTTKDLKKLIWNEIFS
;
A
2 'polypeptide(L)' RRNLKGLNLNLHPD C
#
loop_
_chem_comp.id
_chem_comp.type
_chem_comp.name
_chem_comp.formula
ADP non-polymer ADENOSINE-5'-DIPHOSPHATE 'C10 H15 N5 O10 P2'
MG non-polymer 'MAGNESIUM ION' 'Mg 2'
#
# COMPACT_ATOMS: atom_id res chain seq x y z
N MET A 1 20.57 -1.18 16.41
CA MET A 1 21.05 0.07 15.75
C MET A 1 22.47 -0.13 15.20
N PRO A 2 22.60 -0.87 14.09
CA PRO A 2 23.91 -1.13 13.47
C PRO A 2 24.73 0.14 13.21
N LYS A 3 26.02 0.09 13.53
CA LYS A 3 26.90 1.24 13.34
C LYS A 3 26.99 1.64 11.86
N ARG A 4 26.78 0.65 10.99
CA ARG A 4 26.83 0.89 9.55
C ARG A 4 25.73 1.87 9.11
N ILE A 5 24.66 1.99 9.89
CA ILE A 5 23.57 2.90 9.53
C ILE A 5 23.95 4.34 9.87
N VAL A 6 24.21 5.15 8.83
CA VAL A 6 24.59 6.55 8.99
C VAL A 6 23.55 7.52 8.41
N TYR A 7 23.12 8.46 9.23
CA TYR A 7 22.17 9.49 8.81
C TYR A 7 22.86 10.84 8.88
N ASN A 8 22.97 11.53 7.74
CA ASN A 8 23.57 12.85 7.71
C ASN A 8 22.54 13.96 8.01
N ILE A 9 22.14 13.99 9.29
CA ILE A 9 21.18 14.96 9.78
C ILE A 9 21.75 15.62 11.03
N SER A 10 21.05 16.65 11.48
CA SER A 10 21.45 17.38 12.67
C SER A 10 21.75 16.47 13.85
N SER A 11 22.81 16.83 14.58
CA SER A 11 23.20 16.06 15.75
C SER A 11 22.13 16.19 16.85
N ASP A 12 21.11 17.03 16.62
CA ASP A 12 20.02 17.14 17.59
C ASP A 12 19.24 15.82 17.58
N PHE A 13 19.45 14.98 16.56
CA PHE A 13 18.75 13.70 16.51
C PHE A 13 19.66 12.57 16.92
N GLN A 14 19.16 11.64 17.72
CA GLN A 14 19.94 10.46 18.13
C GLN A 14 19.17 9.23 17.61
N LEU A 15 19.74 8.45 16.70
CA LEU A 15 19.07 7.27 16.17
C LEU A 15 18.80 6.30 17.29
N LYS A 16 17.66 5.64 17.24
CA LYS A 16 17.32 4.69 18.29
C LYS A 16 17.30 3.24 17.81
N SER A 17 16.44 2.91 16.86
CA SER A 17 16.38 1.55 16.38
C SER A 17 16.14 1.48 14.87
N LEU A 18 16.71 0.47 14.20
CA LEU A 18 16.50 0.28 12.75
C LEU A 18 15.17 -0.47 12.58
N LEU A 19 14.25 0.13 11.83
CA LEU A 19 12.91 -0.44 11.64
C LEU A 19 12.71 -1.12 10.30
N GLY A 20 13.48 -0.68 9.30
CA GLY A 20 13.37 -1.24 7.98
C GLY A 20 14.60 -0.87 7.15
N GLU A 21 15.02 -1.78 6.27
CA GLU A 21 16.20 -1.55 5.45
C GLU A 21 16.04 -2.26 4.10
N GLY A 22 15.96 -1.46 3.04
CA GLY A 22 15.80 -1.99 1.70
C GLY A 22 16.67 -1.15 0.76
N ALA A 23 16.62 -1.48 -0.52
CA ALA A 23 17.43 -0.80 -1.52
C ALA A 23 17.00 0.63 -1.74
N TYR A 24 15.72 0.90 -1.49
CA TYR A 24 15.21 2.24 -1.70
C TYR A 24 15.18 3.03 -0.40
N GLY A 25 14.54 2.46 0.61
CA GLY A 25 14.45 3.19 1.87
C GLY A 25 15.03 2.52 3.12
N VAL A 26 15.52 3.33 4.04
CA VAL A 26 15.98 2.82 5.35
C VAL A 26 15.13 3.60 6.36
N VAL A 27 14.54 2.93 7.35
CA VAL A 27 13.68 3.65 8.28
C VAL A 27 14.16 3.36 9.69
N CYS A 28 14.37 4.41 10.46
CA CYS A 28 14.81 4.28 11.87
C CYS A 28 13.97 5.15 12.77
N SER A 29 13.84 4.72 14.02
CA SER A 29 13.23 5.59 15.03
C SER A 29 14.41 6.44 15.53
N ALA A 30 14.13 7.65 16.03
CA ALA A 30 15.16 8.55 16.50
C ALA A 30 14.56 9.52 17.48
N THR A 31 15.36 9.95 18.46
CA THR A 31 14.89 10.91 19.42
C THR A 31 15.38 12.31 19.01
N HIS A 32 14.45 13.28 18.92
CA HIS A 32 14.88 14.66 18.62
C HIS A 32 15.15 15.16 20.02
N LYS A 33 16.44 15.17 20.39
CA LYS A 33 16.81 15.53 21.76
C LYS A 33 16.29 16.83 22.38
N PRO A 34 16.26 17.93 21.62
CA PRO A 34 15.77 19.20 22.18
C PRO A 34 14.34 19.12 22.71
N THR A 35 13.48 18.31 22.07
CA THR A 35 12.09 18.20 22.51
C THR A 35 11.74 16.90 23.19
N GLY A 36 12.57 15.89 22.99
CA GLY A 36 12.32 14.59 23.57
C GLY A 36 11.39 13.74 22.71
N GLU A 37 10.90 14.30 21.62
CA GLU A 37 9.98 13.54 20.75
C GLU A 37 10.70 12.41 20.00
N ILE A 38 10.11 11.22 19.97
CA ILE A 38 10.70 10.09 19.25
C ILE A 38 9.89 10.01 17.95
N VAL A 39 10.61 10.08 16.84
CA VAL A 39 10.02 10.12 15.49
C VAL A 39 10.58 9.03 14.61
N ALA A 40 9.98 8.84 13.43
CA ALA A 40 10.51 7.91 12.47
C ALA A 40 11.19 8.73 11.38
N ILE A 41 12.35 8.30 10.92
CA ILE A 41 13.05 8.99 9.84
C ILE A 41 13.35 8.03 8.70
N LYS A 42 12.81 8.30 7.51
CA LYS A 42 13.03 7.45 6.35
C LYS A 42 14.10 8.13 5.50
N LYS A 43 15.23 7.43 5.31
CA LYS A 43 16.35 7.94 4.52
C LYS A 43 16.35 7.26 3.16
N ILE A 44 16.48 8.08 2.11
CA ILE A 44 16.51 7.61 0.74
C ILE A 44 17.71 8.26 0.02
N GLU A 45 18.49 7.50 -0.77
CA GLU A 45 19.57 8.08 -1.63
C GLU A 45 18.89 8.09 -2.99
N PRO A 46 18.37 9.24 -3.42
CA PRO A 46 17.65 9.31 -4.69
C PRO A 46 18.38 9.58 -5.94
N PHE A 47 19.67 9.90 -5.86
CA PHE A 47 20.33 10.37 -7.07
C PHE A 47 21.27 9.52 -7.91
N ASP A 48 21.30 8.22 -7.66
CA ASP A 48 22.13 7.39 -8.51
C ASP A 48 21.43 7.16 -9.85
N LYS A 49 20.09 7.08 -9.83
CA LYS A 49 19.33 6.86 -11.06
C LYS A 49 18.00 7.62 -10.93
N PRO A 50 17.49 8.15 -12.06
CA PRO A 50 16.22 8.89 -12.01
C PRO A 50 15.11 8.08 -11.35
N LEU A 51 15.07 6.78 -11.57
CA LEU A 51 14.04 5.95 -10.98
C LEU A 51 13.87 6.17 -9.48
N PHE A 52 15.00 6.24 -8.77
CA PHE A 52 14.91 6.42 -7.33
C PHE A 52 14.38 7.81 -6.99
N ALA A 53 14.82 8.83 -7.71
CA ALA A 53 14.37 10.21 -7.44
C ALA A 53 12.89 10.37 -7.78
N LEU A 54 12.43 9.71 -8.86
CA LEU A 54 11.00 9.78 -9.21
C LEU A 54 10.14 9.17 -8.08
N ARG A 55 10.54 8.00 -7.55
CA ARG A 55 9.79 7.39 -6.45
C ARG A 55 9.78 8.31 -5.24
N THR A 56 10.95 8.89 -4.94
CA THR A 56 11.06 9.81 -3.80
C THR A 56 10.10 10.99 -3.94
N LEU A 57 10.07 11.58 -5.13
CA LEU A 57 9.24 12.77 -5.36
C LEU A 57 7.75 12.40 -5.29
N ARG A 58 7.34 11.29 -5.89
CA ARG A 58 5.91 10.90 -5.78
C ARG A 58 5.53 10.70 -4.33
N GLU A 59 6.40 9.99 -3.59
CA GLU A 59 6.15 9.71 -2.18
C GLU A 59 5.99 10.98 -1.35
N ILE A 60 6.94 11.91 -1.52
CA ILE A 60 6.88 13.17 -0.78
C ILE A 60 5.63 13.97 -1.13
N LYS A 61 5.28 14.06 -2.41
CA LYS A 61 4.12 14.86 -2.78
C LYS A 61 2.83 14.25 -2.25
N ILE A 62 2.72 12.92 -2.28
CA ILE A 62 1.50 12.31 -1.74
C ILE A 62 1.47 12.48 -0.23
N LEU A 63 2.58 12.22 0.47
CA LEU A 63 2.55 12.42 1.92
C LEU A 63 2.13 13.85 2.31
N LYS A 64 2.67 14.85 1.60
CA LYS A 64 2.35 16.25 1.92
C LYS A 64 0.91 16.63 1.60
N HIS A 65 0.33 15.95 0.62
CA HIS A 65 -1.00 16.32 0.21
C HIS A 65 -2.11 15.88 1.16
N PHE A 66 -2.00 14.65 1.66
CA PHE A 66 -3.05 14.12 2.48
C PHE A 66 -2.99 14.45 3.95
N LYS A 67 -4.14 14.73 4.53
CA LYS A 67 -4.23 14.98 5.97
C LYS A 67 -5.38 14.05 6.37
N HIS A 68 -5.03 12.80 6.69
CA HIS A 68 -6.06 11.77 6.94
C HIS A 68 -5.56 10.83 8.01
N GLU A 69 -6.47 10.40 8.87
CA GLU A 69 -6.09 9.55 9.99
C GLU A 69 -5.46 8.23 9.61
N ASN A 70 -5.79 7.72 8.42
CA ASN A 70 -5.22 6.44 8.03
C ASN A 70 -4.12 6.54 6.98
N ILE A 71 -3.50 7.73 6.87
CA ILE A 71 -2.36 7.96 5.97
C ILE A 71 -1.26 8.51 6.90
N ILE A 72 -0.08 7.88 6.91
CA ILE A 72 0.98 8.28 7.85
C ILE A 72 1.32 9.76 7.72
N THR A 73 1.43 10.42 8.87
CA THR A 73 1.69 11.86 8.93
C THR A 73 3.15 12.19 8.67
N ILE A 74 3.40 13.15 7.78
CA ILE A 74 4.76 13.63 7.56
C ILE A 74 4.93 14.90 8.42
N PHE A 75 5.99 14.96 9.24
CA PHE A 75 6.23 16.16 10.05
C PHE A 75 7.06 17.15 9.24
N ASN A 76 8.09 16.66 8.55
CA ASN A 76 8.91 17.54 7.72
C ASN A 76 9.96 16.74 6.98
N ILE A 77 10.70 17.42 6.11
CA ILE A 77 11.80 16.80 5.44
C ILE A 77 12.98 17.64 5.85
N GLN A 78 14.07 16.97 6.26
CA GLN A 78 15.23 17.72 6.69
C GLN A 78 15.79 18.57 5.56
N ARG A 79 16.25 19.76 5.95
CA ARG A 79 16.82 20.71 5.00
C ARG A 79 18.32 20.55 4.82
N PRO A 80 18.77 20.27 3.60
CA PRO A 80 20.20 20.10 3.35
C PRO A 80 20.86 21.44 3.60
N ASP A 81 22.14 21.42 3.93
CA ASP A 81 22.76 22.72 4.18
C ASP A 81 23.19 23.42 2.90
N SER A 82 23.20 22.70 1.77
CA SER A 82 23.49 23.31 0.45
C SER A 82 23.01 22.37 -0.67
N PHE A 83 22.80 22.91 -1.87
CA PHE A 83 22.36 22.09 -2.99
C PHE A 83 23.48 21.14 -3.38
N GLU A 84 24.72 21.62 -3.29
CA GLU A 84 25.87 20.80 -3.63
C GLU A 84 26.00 19.61 -2.69
N ASN A 85 25.64 19.79 -1.42
CA ASN A 85 25.75 18.75 -0.38
C ASN A 85 24.42 18.06 -0.10
N PHE A 86 23.57 18.00 -1.11
CA PHE A 86 22.27 17.34 -0.96
C PHE A 86 22.37 15.99 -1.68
N ASN A 87 22.61 14.92 -0.91
CA ASN A 87 22.80 13.58 -1.48
C ASN A 87 21.80 12.55 -0.97
N GLU A 88 21.13 12.88 0.14
CA GLU A 88 20.10 11.97 0.65
C GLU A 88 18.94 12.80 1.12
N VAL A 89 17.77 12.16 1.17
CA VAL A 89 16.54 12.79 1.63
C VAL A 89 16.13 12.09 2.94
N TYR A 90 15.78 12.89 3.95
CA TYR A 90 15.36 12.37 5.24
C TYR A 90 13.93 12.84 5.54
N ILE A 91 12.97 11.93 5.41
CA ILE A 91 11.56 12.24 5.67
C ILE A 91 11.24 11.92 7.11
N ILE A 92 10.82 12.92 7.88
CA ILE A 92 10.50 12.69 9.29
C ILE A 92 8.99 12.50 9.43
N GLN A 93 8.62 11.38 10.03
CA GLN A 93 7.19 11.05 10.16
C GLN A 93 6.85 10.71 11.59
N GLU A 94 5.54 10.70 11.85
CA GLU A 94 5.03 10.22 13.15
C GLU A 94 5.52 8.79 13.30
N LEU A 95 6.00 8.45 14.49
CA LEU A 95 6.49 7.11 14.72
C LEU A 95 5.38 6.14 15.13
N MET A 96 5.20 5.07 14.36
CA MET A 96 4.23 4.00 14.69
C MET A 96 5.00 2.87 15.37
N GLN A 97 4.27 1.97 16.02
CA GLN A 97 4.96 0.92 16.77
C GLN A 97 5.40 -0.28 15.96
N THR A 98 4.67 -0.58 14.91
CA THR A 98 5.00 -1.76 14.13
C THR A 98 4.28 -1.71 12.77
N ASP A 99 4.23 -2.83 12.04
CA ASP A 99 3.51 -2.87 10.76
C ASP A 99 2.66 -4.13 10.73
N LEU A 100 1.69 -4.20 9.82
CA LEU A 100 0.77 -5.32 9.83
C LEU A 100 1.36 -6.67 9.46
N HIS A 101 2.47 -6.68 8.73
CA HIS A 101 3.11 -7.94 8.42
C HIS A 101 3.66 -8.51 9.72
N ARG A 102 4.32 -7.66 10.53
CA ARG A 102 4.86 -8.16 11.80
C ARG A 102 3.72 -8.59 12.73
N VAL A 103 2.62 -7.85 12.74
CA VAL A 103 1.46 -8.19 13.57
C VAL A 103 0.84 -9.52 13.17
N ILE A 104 0.57 -9.73 11.88
CA ILE A 104 -0.02 -10.99 11.45
C ILE A 104 0.94 -12.14 11.74
N SER A 105 2.24 -11.87 11.68
CA SER A 105 3.26 -12.89 11.92
C SER A 105 3.42 -13.29 13.38
N THR A 106 3.07 -12.39 14.28
CA THR A 106 3.32 -12.65 15.68
C THR A 106 2.13 -12.66 16.62
N GLN A 107 0.96 -12.24 16.15
CA GLN A 107 -0.21 -12.14 17.03
C GLN A 107 -1.41 -12.89 16.49
N MET A 108 -2.21 -13.41 17.41
CA MET A 108 -3.43 -14.08 17.04
C MET A 108 -4.42 -12.92 17.08
N LEU A 109 -5.11 -12.67 15.97
CA LEU A 109 -6.07 -11.57 15.93
C LEU A 109 -7.52 -12.04 16.00
N SER A 110 -8.36 -11.38 16.79
CA SER A 110 -9.77 -11.73 16.83
C SER A 110 -10.45 -11.21 15.56
N ASP A 111 -11.68 -11.66 15.35
CA ASP A 111 -12.44 -11.19 14.20
C ASP A 111 -12.67 -9.68 14.35
N ASP A 112 -12.79 -9.19 15.59
CA ASP A 112 -12.98 -7.76 15.81
C ASP A 112 -11.74 -7.01 15.33
N HIS A 113 -10.54 -7.51 15.61
CA HIS A 113 -9.33 -6.80 15.12
C HIS A 113 -9.29 -6.82 13.61
N ILE A 114 -9.69 -7.94 13.00
CA ILE A 114 -9.62 -8.04 11.54
C ILE A 114 -10.58 -7.03 10.90
N GLN A 115 -11.81 -6.95 11.42
CA GLN A 115 -12.77 -5.97 10.93
C GLN A 115 -12.16 -4.58 11.01
N TYR A 116 -11.56 -4.27 12.17
CA TYR A 116 -11.06 -2.93 12.41
C TYR A 116 -9.88 -2.58 11.53
N PHE A 117 -8.98 -3.53 11.32
CA PHE A 117 -7.82 -3.24 10.47
C PHE A 117 -8.23 -3.14 9.02
N ILE A 118 -9.07 -4.04 8.51
CA ILE A 118 -9.42 -3.88 7.08
C ILE A 118 -10.29 -2.61 6.89
N TYR A 119 -11.11 -2.24 7.90
CA TYR A 119 -11.92 -1.02 7.81
C TYR A 119 -11.00 0.18 7.60
N GLN A 120 -9.99 0.31 8.45
CA GLN A 120 -9.06 1.43 8.36
C GLN A 120 -8.30 1.44 7.05
N THR A 121 -7.89 0.26 6.58
CA THR A 121 -7.19 0.19 5.30
C THR A 121 -8.12 0.71 4.19
N LEU A 122 -9.36 0.23 4.17
CA LEU A 122 -10.29 0.67 3.13
C LEU A 122 -10.63 2.15 3.22
N ARG A 123 -10.64 2.69 4.46
CA ARG A 123 -10.94 4.12 4.65
C ARG A 123 -9.81 4.94 4.00
N ALA A 124 -8.56 4.48 4.16
CA ALA A 124 -7.45 5.16 3.47
C ALA A 124 -7.60 5.02 1.95
N VAL A 125 -7.88 3.81 1.49
CA VAL A 125 -8.02 3.59 0.06
C VAL A 125 -9.14 4.45 -0.53
N LYS A 126 -10.25 4.61 0.20
CA LYS A 126 -11.34 5.44 -0.32
C LYS A 126 -10.87 6.88 -0.60
N VAL A 127 -10.07 7.47 0.30
CA VAL A 127 -9.68 8.86 0.07
C VAL A 127 -8.67 8.98 -1.07
N LEU A 128 -7.80 7.97 -1.18
CA LEU A 128 -6.84 7.99 -2.30
C LEU A 128 -7.64 7.90 -3.61
N HIS A 129 -8.54 6.93 -3.68
CA HIS A 129 -9.32 6.74 -4.91
C HIS A 129 -10.20 7.90 -5.28
N GLY A 130 -10.78 8.55 -4.28
CA GLY A 130 -11.63 9.71 -4.57
C GLY A 130 -10.79 10.88 -5.02
N SER A 131 -9.48 10.79 -4.77
CA SER A 131 -8.57 11.81 -5.22
C SER A 131 -7.89 11.41 -6.53
N ASN A 132 -8.38 10.32 -7.16
CA ASN A 132 -7.80 9.81 -8.41
C ASN A 132 -6.37 9.29 -8.28
N VAL A 133 -6.04 8.82 -7.07
CA VAL A 133 -4.72 8.24 -6.78
C VAL A 133 -4.84 6.76 -6.51
N ILE A 134 -4.03 5.95 -7.19
CA ILE A 134 -4.00 4.51 -6.85
C ILE A 134 -2.62 4.25 -6.22
N HIS A 135 -2.60 3.46 -5.16
CA HIS A 135 -1.37 3.18 -4.42
C HIS A 135 -0.44 2.23 -5.15
N ARG A 136 -1.03 1.12 -5.61
CA ARG A 136 -0.38 0.07 -6.39
C ARG A 136 0.57 -0.86 -5.62
N ASP A 137 0.83 -0.58 -4.34
CA ASP A 137 1.74 -1.42 -3.57
C ASP A 137 1.19 -1.66 -2.17
N LEU A 138 -0.12 -1.93 -2.08
CA LEU A 138 -0.72 -2.24 -0.78
C LEU A 138 -0.38 -3.67 -0.42
N LYS A 139 0.09 -3.84 0.79
CA LYS A 139 0.46 -5.14 1.39
C LYS A 139 0.64 -4.88 2.88
N PRO A 140 0.61 -5.94 3.70
CA PRO A 140 0.75 -5.73 5.15
C PRO A 140 1.92 -4.90 5.64
N SER A 141 3.12 -5.05 5.05
CA SER A 141 4.25 -4.25 5.56
C SER A 141 4.12 -2.76 5.28
N ASN A 142 3.19 -2.38 4.40
CA ASN A 142 2.99 -0.96 4.13
C ASN A 142 1.81 -0.39 4.89
N LEU A 143 1.39 -1.11 5.93
CA LEU A 143 0.30 -0.67 6.81
C LEU A 143 0.92 -0.59 8.19
N LEU A 144 1.04 0.62 8.72
CA LEU A 144 1.68 0.87 10.02
C LEU A 144 0.65 0.79 11.14
N ILE A 145 1.08 0.25 12.30
CA ILE A 145 0.12 -0.06 13.37
C ILE A 145 0.60 0.33 14.76
N ASN A 146 -0.31 0.85 15.59
CA ASN A 146 0.02 1.14 17.00
C ASN A 146 -0.72 0.15 17.89
N SER A 147 -0.31 0.08 19.17
CA SER A 147 -0.93 -0.87 20.11
C SER A 147 -2.44 -0.65 20.33
N ASN A 148 -2.92 0.58 20.11
CA ASN A 148 -4.34 0.84 20.22
C ASN A 148 -5.08 0.47 18.91
N CYS A 149 -4.35 -0.20 18.02
CA CYS A 149 -4.85 -0.68 16.71
C CYS A 149 -5.08 0.40 15.64
N ASP A 150 -4.61 1.62 15.88
CA ASP A 150 -4.69 2.66 14.82
C ASP A 150 -3.82 2.16 13.66
N LEU A 151 -4.29 2.37 12.44
CA LEU A 151 -3.57 1.85 11.27
C LEU A 151 -3.37 2.99 10.27
N LYS A 152 -2.17 3.12 9.69
CA LYS A 152 -1.94 4.18 8.71
C LYS A 152 -1.12 3.62 7.55
N VAL A 153 -1.58 3.89 6.33
CA VAL A 153 -0.89 3.43 5.12
C VAL A 153 0.38 4.28 4.88
N CYS A 154 1.42 3.63 4.36
CA CYS A 154 2.64 4.34 4.02
C CYS A 154 3.14 3.84 2.64
N ASP A 155 4.30 4.38 2.22
CA ASP A 155 5.03 3.92 1.00
C ASP A 155 4.30 4.26 -0.28
N PHE A 156 4.19 5.56 -0.53
CA PHE A 156 3.41 6.05 -1.66
C PHE A 156 4.15 6.33 -2.93
N GLY A 157 5.42 5.92 -3.03
CA GLY A 157 6.16 6.28 -4.23
C GLY A 157 5.87 5.53 -5.50
N LEU A 158 5.11 4.43 -5.42
CA LEU A 158 4.74 3.68 -6.63
C LEU A 158 3.32 4.11 -7.08
N ALA A 159 2.75 5.11 -6.41
CA ALA A 159 1.40 5.58 -6.76
C ALA A 159 1.33 6.19 -8.13
N ARG A 160 0.12 6.22 -8.64
CA ARG A 160 -0.10 6.85 -9.94
C ARG A 160 -1.39 7.61 -9.91
N ILE A 161 -1.51 8.62 -10.77
CA ILE A 161 -2.76 9.36 -10.89
C ILE A 161 -3.53 8.74 -12.05
N ILE A 162 -4.79 8.43 -11.81
CA ILE A 162 -5.66 7.86 -12.85
C ILE A 162 -5.68 8.89 -13.97
N ASP A 163 -5.45 8.43 -15.17
CA ASP A 163 -5.38 9.27 -16.36
C ASP A 163 -4.46 10.48 -16.44
N VAL A 180 12.96 -0.02 -16.73
CA VAL A 180 13.26 -0.34 -15.33
C VAL A 180 12.37 0.36 -14.31
N GLU A 181 11.71 -0.43 -13.49
CA GLU A 181 10.85 0.12 -12.46
C GLU A 181 10.92 -0.76 -11.21
N PHE A 182 10.45 -0.21 -10.08
CA PHE A 182 10.32 -1.01 -8.87
C PHE A 182 8.98 -1.69 -9.17
N VAL A 183 8.89 -2.96 -8.84
CA VAL A 183 7.67 -3.72 -9.10
C VAL A 183 7.04 -4.18 -7.77
N ALA A 184 5.72 -3.97 -7.64
CA ALA A 184 5.01 -4.43 -6.43
C ALA A 184 5.06 -5.94 -6.29
N THR A 185 5.09 -6.42 -5.05
CA THR A 185 5.18 -7.84 -4.75
C THR A 185 4.12 -8.60 -5.54
N ARG A 186 4.53 -9.65 -6.27
CA ARG A 186 3.54 -10.36 -7.09
C ARG A 186 2.39 -10.99 -6.31
N TRP A 187 2.61 -11.29 -5.04
CA TRP A 187 1.58 -11.94 -4.21
C TRP A 187 0.33 -11.10 -4.02
N TYR A 188 0.47 -9.79 -4.22
CA TYR A 188 -0.68 -8.88 -4.02
C TYR A 188 -1.15 -8.22 -5.30
N ARG A 189 -0.59 -8.62 -6.43
CA ARG A 189 -0.92 -8.01 -7.73
C ARG A 189 -2.20 -8.58 -8.35
N ALA A 190 -3.07 -7.70 -8.85
CA ALA A 190 -4.33 -8.14 -9.44
C ALA A 190 -4.05 -8.97 -10.71
N PRO A 191 -4.89 -9.96 -11.03
CA PRO A 191 -4.62 -10.76 -12.23
C PRO A 191 -4.61 -10.00 -13.54
N GLU A 192 -5.46 -8.98 -13.69
CA GLU A 192 -5.50 -8.24 -14.96
C GLU A 192 -4.23 -7.46 -15.17
N VAL A 193 -3.58 -7.07 -14.08
CA VAL A 193 -2.34 -6.33 -14.17
C VAL A 193 -1.23 -7.29 -14.56
N MET A 194 -1.26 -8.47 -13.96
CA MET A 194 -0.23 -9.44 -14.27
C MET A 194 -0.35 -9.96 -15.66
N LEU A 195 -1.57 -10.04 -16.14
CA LEU A 195 -1.80 -10.56 -17.48
C LEU A 195 -1.59 -9.54 -18.57
N THR A 196 -2.30 -8.42 -18.50
CA THR A 196 -2.24 -7.40 -19.53
C THR A 196 -1.46 -6.14 -19.20
N SER A 197 -1.41 -5.22 -20.16
CA SER A 197 -0.72 -3.95 -19.97
C SER A 197 -1.77 -3.01 -19.39
N ALA A 198 -2.93 -3.60 -19.11
CA ALA A 198 -4.09 -2.90 -18.57
C ALA A 198 -3.72 -1.63 -17.80
N LYS A 199 -4.44 -0.56 -18.10
CA LYS A 199 -4.23 0.72 -17.43
C LYS A 199 -4.58 0.56 -15.94
N TYR A 200 -3.55 0.33 -15.12
CA TYR A 200 -3.69 0.21 -13.66
C TYR A 200 -4.96 0.98 -13.30
N SER A 201 -5.68 0.56 -12.27
CA SER A 201 -6.96 1.18 -11.94
C SER A 201 -7.27 1.07 -10.45
N ARG A 202 -8.37 1.69 -9.99
CA ARG A 202 -8.73 1.57 -8.57
C ARG A 202 -8.93 0.11 -8.21
N ALA A 203 -9.48 -0.67 -9.13
CA ALA A 203 -9.73 -2.05 -8.81
C ALA A 203 -8.48 -2.83 -8.44
N MET A 204 -7.32 -2.43 -8.95
CA MET A 204 -6.12 -3.19 -8.61
C MET A 204 -5.81 -3.07 -7.12
N ASP A 205 -6.11 -1.91 -6.53
CA ASP A 205 -5.87 -1.70 -5.10
C ASP A 205 -6.87 -2.52 -4.31
N VAL A 206 -8.12 -2.59 -4.80
CA VAL A 206 -9.10 -3.38 -4.07
C VAL A 206 -8.68 -4.86 -4.06
N TRP A 207 -8.16 -5.34 -5.16
CA TRP A 207 -7.64 -6.71 -5.20
C TRP A 207 -6.58 -6.90 -4.11
N SER A 208 -5.63 -5.97 -4.01
CA SER A 208 -4.57 -6.10 -2.98
C SER A 208 -5.20 -6.11 -1.58
N CYS A 209 -6.23 -5.29 -1.35
CA CYS A 209 -6.92 -5.29 -0.07
C CYS A 209 -7.59 -6.63 0.19
N GLY A 210 -8.10 -7.28 -0.87
CA GLY A 210 -8.69 -8.61 -0.69
C GLY A 210 -7.57 -9.55 -0.26
N CYS A 211 -6.39 -9.44 -0.87
CA CYS A 211 -5.27 -10.32 -0.45
C CYS A 211 -4.90 -10.06 1.02
N ILE A 212 -4.96 -8.78 1.43
CA ILE A 212 -4.67 -8.42 2.81
C ILE A 212 -5.72 -9.00 3.75
N LEU A 213 -7.01 -8.88 3.40
CA LEU A 213 -8.07 -9.43 4.26
C LEU A 213 -7.90 -10.99 4.37
N ALA A 214 -7.59 -11.63 3.26
CA ALA A 214 -7.40 -13.11 3.30
C ALA A 214 -6.22 -13.46 4.21
N GLU A 215 -5.14 -12.67 4.13
CA GLU A 215 -3.95 -12.89 4.94
C GLU A 215 -4.26 -12.71 6.42
N LEU A 216 -5.15 -11.76 6.74
CA LEU A 216 -5.57 -11.60 8.12
C LEU A 216 -6.34 -12.87 8.57
N PHE A 217 -7.21 -13.41 7.71
CA PHE A 217 -7.97 -14.60 8.11
C PHE A 217 -7.09 -15.86 8.23
N LEU A 218 -6.15 -16.01 7.30
CA LEU A 218 -5.31 -17.21 7.21
C LEU A 218 -4.00 -17.19 7.98
N ARG A 219 -3.56 -15.97 8.32
CA ARG A 219 -2.29 -15.74 9.00
C ARG A 219 -1.10 -16.08 8.10
N ARG A 220 -1.35 -16.09 6.80
CA ARG A 220 -0.33 -16.34 5.79
C ARG A 220 -0.88 -15.79 4.48
N PRO A 221 0.00 -15.50 3.49
CA PRO A 221 -0.49 -14.97 2.22
C PRO A 221 -1.36 -16.00 1.50
N ILE A 222 -2.44 -15.53 0.90
CA ILE A 222 -3.32 -16.45 0.21
C ILE A 222 -2.76 -16.93 -1.14
N PHE A 223 -2.03 -16.06 -1.86
CA PHE A 223 -1.48 -16.42 -3.18
C PHE A 223 0.05 -16.17 -3.23
N PRO A 224 0.82 -17.02 -2.57
CA PRO A 224 2.28 -16.85 -2.56
C PRO A 224 2.97 -17.50 -3.74
N GLY A 225 2.70 -16.99 -4.94
CA GLY A 225 3.30 -17.57 -6.13
C GLY A 225 4.80 -17.43 -6.22
N ARG A 226 5.46 -18.47 -6.73
CA ARG A 226 6.93 -18.46 -6.90
C ARG A 226 7.35 -17.69 -8.13
N ASP A 227 6.44 -17.54 -9.08
CA ASP A 227 6.71 -16.86 -10.33
C ASP A 227 5.40 -16.52 -11.00
N TYR A 228 5.45 -15.86 -12.15
CA TYR A 228 4.25 -15.43 -12.87
C TYR A 228 3.25 -16.56 -13.06
N ARG A 229 3.76 -17.66 -13.59
CA ARG A 229 2.90 -18.81 -13.88
C ARG A 229 2.23 -19.40 -12.64
N HIS A 230 3.02 -19.57 -11.59
CA HIS A 230 2.51 -20.15 -10.36
C HIS A 230 1.51 -19.20 -9.70
N GLN A 231 1.78 -17.89 -9.81
CA GLN A 231 0.86 -16.89 -9.22
C GLN A 231 -0.52 -17.04 -9.84
N LEU A 232 -0.57 -17.11 -11.17
CA LEU A 232 -1.86 -17.25 -11.82
C LEU A 232 -2.53 -18.57 -11.45
N LEU A 233 -1.75 -19.67 -11.33
CA LEU A 233 -2.38 -20.93 -10.96
C LEU A 233 -3.04 -20.84 -9.58
N LEU A 234 -2.33 -20.22 -8.63
CA LEU A 234 -2.84 -20.08 -7.28
C LEU A 234 -4.10 -19.20 -7.26
N ILE A 235 -4.05 -18.08 -8.00
CA ILE A 235 -5.21 -17.16 -8.05
C ILE A 235 -6.42 -17.88 -8.64
N PHE A 236 -6.26 -18.50 -9.80
CA PHE A 236 -7.44 -19.14 -10.40
C PHE A 236 -7.91 -20.39 -9.65
N GLY A 237 -7.00 -21.06 -8.95
CA GLY A 237 -7.42 -22.18 -8.13
C GLY A 237 -8.42 -21.77 -7.06
N ILE A 238 -8.42 -20.48 -6.68
CA ILE A 238 -9.38 -19.99 -5.70
C ILE A 238 -10.57 -19.25 -6.33
N ILE A 239 -10.31 -18.37 -7.30
CA ILE A 239 -11.44 -17.59 -7.84
C ILE A 239 -12.15 -18.23 -9.02
N GLY A 240 -11.56 -19.32 -9.53
CA GLY A 240 -12.13 -20.00 -10.67
C GLY A 240 -11.50 -19.49 -11.95
N THR A 241 -11.29 -20.40 -12.90
CA THR A 241 -10.70 -20.00 -14.17
C THR A 241 -11.71 -19.34 -15.10
N PRO A 242 -11.38 -18.16 -15.67
CA PRO A 242 -12.29 -17.47 -16.60
C PRO A 242 -12.33 -18.31 -17.87
N HIS A 243 -13.50 -18.52 -18.47
CA HIS A 243 -13.52 -19.32 -19.69
C HIS A 243 -14.40 -18.85 -20.86
N SER A 244 -15.56 -18.27 -20.57
CA SER A 244 -16.44 -17.74 -21.63
C SER A 244 -15.83 -16.44 -22.16
N ASP A 245 -16.22 -16.03 -23.37
CA ASP A 245 -15.72 -14.76 -23.90
C ASP A 245 -16.15 -13.62 -22.98
N ASN A 246 -17.28 -13.77 -22.31
CA ASN A 246 -17.68 -12.71 -21.41
C ASN A 246 -16.70 -12.68 -20.26
N ASP A 247 -16.35 -13.86 -19.76
CA ASP A 247 -15.39 -13.96 -18.67
C ASP A 247 -14.08 -13.25 -19.02
N LEU A 248 -13.72 -13.31 -20.30
CA LEU A 248 -12.46 -12.74 -20.76
C LEU A 248 -12.55 -11.37 -21.43
N ARG A 249 -13.69 -10.71 -21.28
CA ARG A 249 -13.91 -9.40 -21.90
C ARG A 249 -12.86 -8.35 -21.57
N CYS A 250 -12.31 -8.40 -20.36
CA CYS A 250 -11.33 -7.41 -19.96
C CYS A 250 -9.90 -7.70 -20.39
N ILE A 251 -9.70 -8.78 -21.13
CA ILE A 251 -8.36 -9.15 -21.60
C ILE A 251 -8.30 -9.02 -23.13
N GLU A 252 -7.60 -8.00 -23.60
CA GLU A 252 -7.50 -7.79 -25.03
C GLU A 252 -6.36 -8.55 -25.68
N SER A 253 -5.22 -8.60 -25.00
CA SER A 253 -4.02 -9.28 -25.51
C SER A 253 -4.28 -10.70 -25.96
N PRO A 254 -4.06 -10.99 -27.24
CA PRO A 254 -4.31 -12.37 -27.69
C PRO A 254 -3.39 -13.39 -26.99
N ARG A 255 -2.16 -12.99 -26.66
CA ARG A 255 -1.20 -13.85 -25.97
C ARG A 255 -1.76 -14.20 -24.58
N ALA A 256 -2.27 -13.17 -23.88
CA ALA A 256 -2.86 -13.37 -22.55
C ALA A 256 -4.09 -14.26 -22.58
N ARG A 257 -4.98 -14.05 -23.56
CA ARG A 257 -6.19 -14.87 -23.65
C ARG A 257 -5.86 -16.36 -23.86
N GLU A 258 -4.92 -16.64 -24.75
CA GLU A 258 -4.53 -18.03 -25.01
C GLU A 258 -3.89 -18.67 -23.78
N TYR A 259 -3.15 -17.87 -23.03
CA TYR A 259 -2.52 -18.43 -21.83
C TYR A 259 -3.63 -18.83 -20.82
N ILE A 260 -4.60 -17.95 -20.60
CA ILE A 260 -5.67 -18.28 -19.67
C ILE A 260 -6.37 -19.55 -20.11
N LYS A 261 -6.57 -19.67 -21.42
CA LYS A 261 -7.25 -20.83 -21.98
C LYS A 261 -6.46 -22.12 -21.77
N SER A 262 -5.16 -22.01 -21.47
CA SER A 262 -4.33 -23.22 -21.28
C SER A 262 -4.36 -23.72 -19.84
N LEU A 263 -4.99 -22.97 -18.96
CA LEU A 263 -5.06 -23.35 -17.56
C LEU A 263 -6.07 -24.44 -17.26
N PRO A 264 -5.90 -25.10 -16.11
CA PRO A 264 -6.87 -26.14 -15.71
C PRO A 264 -8.17 -25.32 -15.53
N MET A 265 -9.33 -25.95 -15.67
CA MET A 265 -10.61 -25.29 -15.49
C MET A 265 -11.03 -25.42 -14.03
N TYR A 266 -10.60 -24.47 -13.21
CA TYR A 266 -10.93 -24.49 -11.80
C TYR A 266 -12.27 -23.86 -11.53
N PRO A 267 -13.05 -24.45 -10.61
CA PRO A 267 -14.33 -23.78 -10.31
C PRO A 267 -13.95 -22.76 -9.22
N ALA A 268 -14.82 -21.82 -8.89
CA ALA A 268 -14.51 -20.90 -7.78
C ALA A 268 -14.54 -21.79 -6.52
N ALA A 269 -13.54 -21.65 -5.66
CA ALA A 269 -13.42 -22.47 -4.47
C ALA A 269 -14.48 -22.11 -3.43
N PRO A 270 -15.01 -23.11 -2.71
CA PRO A 270 -16.02 -22.85 -1.68
C PRO A 270 -15.28 -22.39 -0.41
N LEU A 271 -15.01 -21.10 -0.34
CA LEU A 271 -14.25 -20.55 0.77
C LEU A 271 -14.87 -20.77 2.14
N GLU A 272 -16.20 -20.73 2.23
CA GLU A 272 -16.83 -20.93 3.53
C GLU A 272 -16.57 -22.36 4.01
N LYS A 273 -16.41 -23.30 3.08
CA LYS A 273 -16.14 -24.69 3.48
C LYS A 273 -14.68 -24.89 3.83
N MET A 274 -13.83 -24.21 3.10
CA MET A 274 -12.42 -24.34 3.35
C MET A 274 -12.04 -23.72 4.68
N PHE A 275 -12.67 -22.59 5.02
CA PHE A 275 -12.39 -21.85 6.26
C PHE A 275 -13.69 -21.65 7.04
N PRO A 276 -14.18 -22.74 7.60
CA PRO A 276 -15.44 -22.72 8.35
C PRO A 276 -15.58 -21.93 9.61
N ARG A 277 -14.45 -21.49 10.18
CA ARG A 277 -14.52 -20.73 11.43
C ARG A 277 -14.38 -19.24 11.18
N VAL A 278 -14.25 -18.85 9.90
CA VAL A 278 -14.18 -17.41 9.57
C VAL A 278 -15.58 -16.83 9.53
N ASN A 279 -15.75 -15.59 10.01
CA ASN A 279 -17.04 -14.91 10.02
C ASN A 279 -17.58 -14.99 8.58
N PRO A 280 -18.80 -15.53 8.38
CA PRO A 280 -19.31 -15.62 7.00
C PRO A 280 -19.42 -14.28 6.27
N LYS A 281 -19.70 -13.21 7.01
CA LYS A 281 -19.79 -11.88 6.38
C LYS A 281 -18.41 -11.47 5.89
N GLY A 282 -17.37 -11.92 6.60
CA GLY A 282 -16.00 -11.60 6.18
C GLY A 282 -15.65 -12.34 4.91
N ILE A 283 -16.03 -13.62 4.82
CA ILE A 283 -15.81 -14.37 3.60
C ILE A 283 -16.56 -13.71 2.43
N ASP A 284 -17.78 -13.24 2.69
CA ASP A 284 -18.56 -12.60 1.63
C ASP A 284 -17.86 -11.35 1.09
N LEU A 285 -17.34 -10.53 2.00
CA LEU A 285 -16.63 -9.34 1.59
C LEU A 285 -15.39 -9.75 0.79
N LEU A 286 -14.65 -10.72 1.30
CA LEU A 286 -13.46 -11.19 0.63
C LEU A 286 -13.78 -11.67 -0.80
N GLN A 287 -14.86 -12.42 -0.95
CA GLN A 287 -15.22 -12.89 -2.27
C GLN A 287 -15.52 -11.75 -3.22
N ARG A 288 -16.08 -10.65 -2.69
CA ARG A 288 -16.42 -9.54 -3.56
C ARG A 288 -15.20 -8.72 -3.98
N MET A 289 -14.10 -8.88 -3.25
CA MET A 289 -12.86 -8.19 -3.56
C MET A 289 -12.02 -9.00 -4.52
N LEU A 290 -12.06 -10.33 -4.40
CA LEU A 290 -11.22 -11.18 -5.26
C LEU A 290 -12.03 -11.71 -6.45
N VAL A 291 -12.46 -10.80 -7.29
CA VAL A 291 -13.25 -11.07 -8.50
C VAL A 291 -12.29 -10.81 -9.64
N PHE A 292 -12.31 -11.67 -10.66
CA PHE A 292 -11.41 -11.52 -11.76
C PHE A 292 -11.68 -10.23 -12.58
N ASP A 293 -12.94 -10.00 -12.92
CA ASP A 293 -13.32 -8.84 -13.74
C ASP A 293 -13.22 -7.57 -12.89
N PRO A 294 -12.27 -6.69 -13.22
CA PRO A 294 -12.17 -5.48 -12.39
C PRO A 294 -13.41 -4.63 -12.35
N ALA A 295 -14.24 -4.66 -13.39
CA ALA A 295 -15.45 -3.82 -13.38
C ALA A 295 -16.51 -4.36 -12.41
N LYS A 296 -16.40 -5.63 -12.05
CA LYS A 296 -17.33 -6.26 -11.12
C LYS A 296 -16.79 -6.33 -9.69
N ARG A 297 -15.54 -5.95 -9.50
CA ARG A 297 -14.96 -5.97 -8.16
C ARG A 297 -15.59 -4.86 -7.32
N ILE A 298 -15.77 -5.12 -6.04
CA ILE A 298 -16.36 -4.14 -5.14
C ILE A 298 -15.43 -2.90 -5.06
N THR A 299 -15.99 -1.73 -4.83
CA THR A 299 -15.16 -0.50 -4.72
C THR A 299 -14.82 -0.32 -3.23
N ALA A 300 -13.88 0.57 -2.90
CA ALA A 300 -13.57 0.76 -1.49
C ALA A 300 -14.78 1.32 -0.75
N LYS A 301 -15.49 2.26 -1.36
CA LYS A 301 -16.67 2.82 -0.70
C LYS A 301 -17.70 1.71 -0.45
N GLU A 302 -17.96 0.86 -1.44
CA GLU A 302 -18.95 -0.23 -1.23
C GLU A 302 -18.48 -1.19 -0.14
N ALA A 303 -17.16 -1.42 -0.06
CA ALA A 303 -16.65 -2.31 0.98
C ALA A 303 -16.88 -1.72 2.37
N LEU A 304 -16.67 -0.42 2.54
CA LEU A 304 -16.92 0.21 3.83
C LEU A 304 -18.40 0.09 4.23
N GLU A 305 -19.27 -0.06 3.23
CA GLU A 305 -20.72 -0.18 3.44
C GLU A 305 -21.16 -1.63 3.60
N HIS A 306 -20.22 -2.57 3.54
CA HIS A 306 -20.56 -3.98 3.61
C HIS A 306 -20.92 -4.43 5.01
N PRO A 307 -21.86 -5.37 5.14
CA PRO A 307 -22.23 -5.79 6.50
C PRO A 307 -21.08 -6.21 7.43
N TYR A 308 -19.99 -6.75 6.87
CA TYR A 308 -18.90 -7.18 7.73
C TYR A 308 -18.32 -6.04 8.55
N LEU A 309 -18.40 -4.82 7.99
CA LEU A 309 -17.83 -3.66 8.64
C LEU A 309 -18.83 -2.73 9.29
N GLN A 310 -20.05 -3.22 9.50
CA GLN A 310 -21.09 -2.36 10.08
C GLN A 310 -20.77 -1.74 11.44
N THR A 311 -19.94 -2.39 12.24
CA THR A 311 -19.59 -1.85 13.55
C THR A 311 -18.82 -0.52 13.44
N TYR A 312 -18.04 -0.39 12.38
CA TYR A 312 -17.20 0.80 12.22
C TYR A 312 -17.64 1.79 11.12
N HIS A 313 -18.49 1.36 10.21
CA HIS A 313 -18.91 2.25 9.15
C HIS A 313 -19.67 3.50 9.60
N ASP A 314 -19.30 4.66 9.07
CA ASP A 314 -20.00 5.93 9.33
C ASP A 314 -19.85 6.68 8.00
N PRO A 315 -20.93 6.75 7.21
CA PRO A 315 -20.95 7.40 5.89
C PRO A 315 -20.60 8.88 5.95
N ASN A 316 -20.68 9.46 7.14
CA ASN A 316 -20.32 10.87 7.32
C ASN A 316 -18.91 11.06 7.88
N ASP A 317 -18.14 9.98 8.04
CA ASP A 317 -16.79 10.15 8.55
C ASP A 317 -15.83 9.22 7.79
N GLU A 318 -16.01 9.23 6.49
CA GLU A 318 -15.17 8.45 5.58
C GLU A 318 -14.88 9.37 4.38
N PRO A 319 -13.89 10.27 4.56
CA PRO A 319 -13.47 11.26 3.55
C PRO A 319 -13.38 10.71 2.14
N GLU A 320 -13.97 11.44 1.19
CA GLU A 320 -13.96 11.01 -0.18
C GLU A 320 -12.79 11.58 -0.96
N GLY A 321 -12.21 12.67 -0.47
CA GLY A 321 -11.10 13.30 -1.19
C GLY A 321 -11.58 14.21 -2.33
N GLU A 322 -10.62 14.83 -2.99
CA GLU A 322 -10.93 15.71 -4.13
C GLU A 322 -9.91 15.30 -5.20
N PRO A 323 -10.34 15.31 -6.46
CA PRO A 323 -9.47 14.92 -7.57
C PRO A 323 -8.17 15.70 -7.69
N ILE A 324 -7.10 14.96 -7.97
CA ILE A 324 -5.79 15.51 -8.22
C ILE A 324 -5.55 15.30 -9.73
N PRO A 325 -5.12 16.35 -10.44
CA PRO A 325 -4.89 16.19 -11.89
C PRO A 325 -3.59 15.47 -12.19
N PRO A 326 -3.47 14.88 -13.39
CA PRO A 326 -2.24 14.17 -13.78
C PRO A 326 -1.00 15.05 -13.68
N SER A 327 -1.16 16.37 -13.86
CA SER A 327 -0.02 17.29 -13.81
C SER A 327 0.69 17.30 -12.44
N PHE A 328 0.02 16.80 -11.41
CA PHE A 328 0.65 16.70 -10.09
C PHE A 328 1.89 15.83 -10.25
N PHE A 329 1.88 14.88 -11.17
CA PHE A 329 3.09 14.05 -11.43
C PHE A 329 3.55 14.33 -12.88
N GLU A 330 3.53 15.59 -13.29
CA GLU A 330 3.87 15.99 -14.65
C GLU A 330 5.27 15.52 -15.05
N PHE A 331 6.14 15.38 -14.06
CA PHE A 331 7.52 14.95 -14.29
C PHE A 331 7.65 13.54 -14.85
N ASP A 332 6.58 12.76 -14.79
CA ASP A 332 6.57 11.39 -15.31
C ASP A 332 6.19 11.37 -16.79
N HIS A 333 5.78 12.53 -17.34
CA HIS A 333 5.31 12.61 -18.72
C HIS A 333 6.06 13.52 -19.66
N TYR A 334 7.37 13.57 -19.50
CA TYR A 334 8.21 14.38 -20.34
C TYR A 334 8.68 13.66 -21.59
N LYS A 335 8.53 14.30 -22.74
CA LYS A 335 8.98 13.70 -24.00
C LYS A 335 10.44 13.26 -23.80
N GLU A 336 11.25 14.16 -23.25
CA GLU A 336 12.66 13.92 -22.96
C GLU A 336 12.78 13.72 -21.44
N ALA A 337 13.15 12.52 -21.02
CA ALA A 337 13.26 12.20 -19.59
C ALA A 337 14.02 13.28 -18.83
N LEU A 338 13.51 13.63 -17.65
CA LEU A 338 14.16 14.62 -16.82
C LEU A 338 15.46 14.02 -16.30
N THR A 339 16.47 14.88 -16.13
CA THR A 339 17.77 14.45 -15.62
C THR A 339 17.74 14.36 -14.12
N THR A 340 18.76 13.73 -13.54
CA THR A 340 18.85 13.63 -12.09
C THR A 340 18.88 15.02 -11.47
N LYS A 341 19.62 15.95 -12.06
CA LYS A 341 19.67 17.32 -11.55
C LYS A 341 18.28 17.96 -11.62
N ASP A 342 17.56 17.69 -12.70
CA ASP A 342 16.19 18.22 -12.82
C ASP A 342 15.34 17.73 -11.65
N LEU A 343 15.43 16.43 -11.37
CA LEU A 343 14.63 15.86 -10.27
C LEU A 343 15.14 16.31 -8.91
N LYS A 344 16.45 16.53 -8.78
CA LYS A 344 16.97 17.06 -7.50
C LYS A 344 16.32 18.43 -7.21
N LYS A 345 16.17 19.26 -8.23
CA LYS A 345 15.53 20.56 -8.01
C LYS A 345 14.05 20.39 -7.65
N LEU A 346 13.36 19.46 -8.31
CA LEU A 346 11.95 19.31 -7.96
C LEU A 346 11.79 18.80 -6.51
N ILE A 347 12.69 17.93 -6.07
CA ILE A 347 12.62 17.45 -4.68
C ILE A 347 12.97 18.59 -3.73
N TRP A 348 13.99 19.38 -4.07
CA TRP A 348 14.35 20.54 -3.24
C TRP A 348 13.13 21.45 -3.05
N ASN A 349 12.42 21.74 -4.14
CA ASN A 349 11.24 22.58 -4.07
C ASN A 349 10.22 22.02 -3.05
N GLU A 350 10.08 20.67 -2.98
CA GLU A 350 9.14 20.10 -1.97
C GLU A 350 9.65 20.21 -0.54
N ILE A 351 10.96 20.11 -0.37
CA ILE A 351 11.51 20.20 0.99
C ILE A 351 11.32 21.59 1.56
N PHE A 352 11.51 22.60 0.70
CA PHE A 352 11.42 23.96 1.16
C PHE A 352 10.08 24.63 0.96
N SER A 353 9.02 23.83 0.83
CA SER A 353 7.65 24.37 0.71
C SER A 353 6.66 23.58 1.59
N ARG B 1 -11.37 6.74 17.45
CA ARG B 1 -12.66 7.33 17.90
C ARG B 1 -13.77 6.29 17.84
N ARG B 2 -13.68 5.35 16.90
CA ARG B 2 -14.69 4.32 16.80
C ARG B 2 -14.20 2.95 17.29
N ASN B 3 -13.09 2.94 18.02
CA ASN B 3 -12.57 1.69 18.58
C ASN B 3 -13.42 1.43 19.82
N LEU B 4 -14.68 1.15 19.57
CA LEU B 4 -15.72 0.91 20.56
C LEU B 4 -15.37 -0.19 21.56
N LYS B 5 -14.74 -1.26 21.09
CA LYS B 5 -14.39 -2.38 21.95
C LYS B 5 -13.05 -2.27 22.67
N GLY B 6 -12.36 -1.14 22.51
CA GLY B 6 -11.08 -0.99 23.17
C GLY B 6 -10.09 -2.04 22.70
N LEU B 7 -10.15 -2.36 21.41
CA LEU B 7 -9.24 -3.36 20.87
C LEU B 7 -7.80 -2.90 21.04
N ASN B 8 -6.92 -3.84 21.37
CA ASN B 8 -5.50 -3.52 21.55
C ASN B 8 -4.62 -4.72 21.21
N LEU B 9 -3.32 -4.48 21.07
CA LEU B 9 -2.35 -5.53 20.77
C LEU B 9 -1.36 -5.36 21.90
N ASN B 10 -0.86 -6.46 22.46
CA ASN B 10 0.09 -6.31 23.56
C ASN B 10 1.30 -6.37 22.64
N LEU B 11 2.00 -5.25 22.58
CA LEU B 11 3.17 -5.06 21.78
C LEU B 11 4.14 -4.59 22.87
N HIS B 12 5.39 -5.01 22.72
CA HIS B 12 6.47 -4.62 23.64
C HIS B 12 7.60 -4.02 22.83
MG MG C . 7.29 -0.62 2.05
PB ADP D . 10.18 0.85 1.79
O1B ADP D . 11.66 0.64 1.98
O2B ADP D . 9.87 1.72 0.58
O3B ADP D . 9.31 -0.43 1.70
PA ADP D . 8.42 1.78 3.95
O1A ADP D . 7.97 3.19 4.05
O2A ADP D . 7.40 0.80 3.45
O3A ADP D . 9.67 1.80 2.99
O5' ADP D . 9.02 1.42 5.35
C5' ADP D . 9.61 0.09 5.56
C4' ADP D . 9.25 -0.46 6.95
O4' ADP D . 9.68 0.55 7.88
C3' ADP D . 7.75 -0.60 7.23
O3' ADP D . 7.30 -1.88 6.69
C2' ADP D . 7.73 -0.43 8.72
O2' ADP D . 8.12 -1.65 9.44
C1' ADP D . 8.78 0.63 8.99
N9 ADP D . 8.21 2.00 9.00
C8 ADP D . 8.05 2.86 7.96
N7 ADP D . 7.53 4.03 8.33
C5 ADP D . 7.36 3.92 9.65
C6 ADP D . 6.83 4.86 10.61
N6 ADP D . 6.41 6.07 10.38
N1 ADP D . 6.82 4.35 11.91
C2 ADP D . 7.26 3.09 12.21
N3 ADP D . 7.74 2.19 11.36
C4 ADP D . 7.77 2.64 10.08
#